data_5VCW
#
_entry.id   5VCW
#
_cell.length_a   50.510
_cell.length_b   112.900
_cell.length_c   72.710
_cell.angle_alpha   90.000
_cell.angle_beta   109.270
_cell.angle_gamma   90.000
#
_symmetry.space_group_name_H-M   'P 1 21 1'
#
loop_
_entity.id
_entity.type
_entity.pdbx_description
1 polymer 'Membrane-associated tyrosine- and threonine-specific cdc2-inhibitory kinase'
2 non-polymer (2E)-N-{4-[(3-chloro-4-fluorophenyl)amino]-3-cyano-7-ethoxyquinolin-6-yl}-4-(dimethylamino)but-2-enamide
3 non-polymer 'SULFATE ION'
4 non-polymer 1,2-ETHANEDIOL
5 water water
#
_entity_poly.entity_id   1
_entity_poly.type   'polypeptide(L)'
_entity_poly.pdbx_seq_one_letter_code
;MHHHHHHSSGVDLGTENLYFQSMHQLQPRRVSFRGEASETLQSPGYDPSRPESFFQQSFQRLSRLGHGSYGEVFKVRSKE
DGRLYAVKRSMSPFRGPKDRARKLAEVGSHEKVGQHPCCVRLEQAWEEGGILYLQTELCGPSLQQHCEAWGASLPEAQVW
GYLRDTLLALAHLHSQGLVHLDVKPANIFLGPRGRCKLGDFGLLVELGTAGAGEVQEGDPRYMAPELLQGSYGTAADVFS
LGLTILEVACNMELPHGGEGWQQLRQGYLPPEFTAGLSSELRSVLVMMLEPDPKLRATAEALLALPVLRQP
;
_entity_poly.pdbx_strand_id   A,B
#
# COMPACT_ATOMS: atom_id res chain seq x y z
N LEU A 26 26.26 -14.02 -22.19
CA LEU A 26 26.22 -15.21 -23.03
C LEU A 26 25.55 -16.38 -22.30
N GLN A 27 25.64 -16.43 -20.96
CA GLN A 27 24.88 -17.41 -20.17
C GLN A 27 24.89 -17.09 -18.67
N PRO A 28 23.75 -17.34 -17.99
CA PRO A 28 23.53 -16.98 -16.59
C PRO A 28 24.31 -17.90 -15.63
N ARG A 29 24.99 -17.31 -14.66
CA ARG A 29 25.85 -18.06 -13.76
C ARG A 29 25.54 -17.71 -12.32
N ARG A 30 25.39 -18.76 -11.49
CA ARG A 30 24.97 -18.58 -10.12
C ARG A 30 26.03 -17.83 -9.32
N VAL A 31 25.56 -16.86 -8.55
CA VAL A 31 26.41 -16.13 -7.61
C VAL A 31 26.12 -16.59 -6.19
N SER A 32 27.07 -17.29 -5.59
CA SER A 32 26.99 -17.60 -4.17
C SER A 32 28.39 -17.67 -3.56
N PHE A 33 28.44 -17.60 -2.23
CA PHE A 33 29.69 -17.66 -1.51
C PHE A 33 29.75 -18.88 -0.60
N ARG A 34 28.65 -19.65 -0.59
CA ARG A 34 28.64 -20.95 0.07
C ARG A 34 29.57 -21.91 -0.67
N GLY A 35 29.37 -22.06 -1.97
CA GLY A 35 30.24 -22.85 -2.82
C GLY A 35 31.03 -21.95 -3.74
N GLU A 36 32.22 -22.38 -4.14
CA GLU A 36 33.10 -21.55 -4.96
C GLU A 36 32.69 -21.57 -6.42
N ALA A 37 32.46 -22.76 -6.96
CA ALA A 37 32.22 -22.92 -8.39
C ALA A 37 30.92 -22.26 -8.84
N SER A 38 31.05 -21.12 -9.53
CA SER A 38 29.90 -20.47 -10.14
C SER A 38 29.39 -21.35 -11.28
N GLU A 39 28.11 -21.71 -11.18
CA GLU A 39 27.50 -22.71 -12.05
C GLU A 39 26.37 -22.07 -12.84
N THR A 40 25.99 -22.68 -13.96
CA THR A 40 24.94 -22.07 -14.78
C THR A 40 23.58 -22.50 -14.27
N LEU A 41 22.58 -21.65 -14.48
CA LEU A 41 21.22 -21.88 -14.03
C LEU A 41 20.41 -22.69 -15.03
N GLN A 42 19.35 -23.34 -14.57
CA GLN A 42 18.29 -23.68 -15.51
C GLN A 42 16.91 -23.80 -14.90
N SER A 43 15.93 -23.71 -15.79
CA SER A 43 14.56 -23.37 -15.46
C SER A 43 13.66 -23.87 -16.56
N PRO A 44 12.54 -24.50 -16.19
CA PRO A 44 11.46 -24.67 -17.15
C PRO A 44 11.07 -23.30 -17.71
N GLY A 45 10.96 -23.23 -19.03
CA GLY A 45 10.79 -21.95 -19.69
C GLY A 45 12.10 -21.53 -20.33
N TYR A 46 13.21 -21.87 -19.67
CA TYR A 46 14.52 -21.43 -20.15
C TYR A 46 15.17 -22.44 -21.08
N ASP A 47 15.16 -22.12 -22.36
CA ASP A 47 15.96 -22.84 -23.34
C ASP A 47 17.08 -21.91 -23.80
N PRO A 48 18.33 -22.27 -23.49
CA PRO A 48 19.50 -21.43 -23.80
C PRO A 48 19.61 -21.02 -25.26
N SER A 49 18.93 -21.76 -26.13
CA SER A 49 18.96 -21.49 -27.57
C SER A 49 18.43 -20.10 -27.89
N ARG A 50 17.25 -19.79 -27.40
CA ARG A 50 16.61 -18.49 -27.66
C ARG A 50 17.48 -17.32 -27.19
N PRO A 51 17.23 -16.12 -27.73
CA PRO A 51 18.09 -14.97 -27.41
C PRO A 51 17.81 -14.31 -26.05
N GLU A 52 16.62 -14.50 -25.51
CA GLU A 52 16.23 -13.75 -24.32
C GLU A 52 16.99 -14.24 -23.07
N SER A 53 17.29 -13.31 -22.17
CA SER A 53 18.07 -13.63 -20.96
C SER A 53 17.32 -14.62 -20.09
N PHE A 54 18.02 -15.14 -19.08
CA PHE A 54 17.39 -16.06 -18.15
C PHE A 54 16.21 -15.37 -17.50
N PHE A 55 16.45 -14.13 -17.08
CA PHE A 55 15.41 -13.31 -16.45
C PHE A 55 14.13 -13.20 -17.28
N GLN A 56 14.25 -12.57 -18.45
CA GLN A 56 13.15 -12.43 -19.41
C GLN A 56 12.34 -13.70 -19.54
N GLN A 57 13.07 -14.80 -19.56
CA GLN A 57 12.60 -16.07 -20.06
C GLN A 57 12.15 -17.01 -18.92
N SER A 58 12.76 -16.90 -17.74
CA SER A 58 12.40 -17.77 -16.63
C SER A 58 11.39 -17.12 -15.67
N PHE A 59 10.99 -15.90 -15.97
CA PHE A 59 10.10 -15.14 -15.10
C PHE A 59 9.01 -14.42 -15.86
N GLN A 60 7.94 -14.13 -15.13
CA GLN A 60 6.83 -13.34 -15.65
C GLN A 60 6.89 -11.99 -14.92
N ARG A 61 7.36 -10.98 -15.63
CA ARG A 61 7.52 -9.63 -15.06
C ARG A 61 6.15 -8.99 -14.87
N LEU A 62 5.80 -8.68 -13.63
CA LEU A 62 4.44 -8.23 -13.33
C LEU A 62 4.33 -6.72 -13.19
N SER A 63 5.37 -6.10 -12.64
CA SER A 63 5.36 -4.66 -12.41
C SER A 63 6.69 -4.23 -11.85
N ARG A 64 6.91 -2.92 -11.83
CA ARG A 64 8.12 -2.36 -11.30
C ARG A 64 7.85 -1.91 -9.86
N LEU A 65 8.59 -2.47 -8.90
CA LEU A 65 8.43 -2.12 -7.50
C LEU A 65 9.18 -0.84 -7.15
N GLY A 66 10.28 -0.59 -7.86
CA GLY A 66 11.14 0.53 -7.57
C GLY A 66 12.28 0.60 -8.57
N HIS A 67 12.97 1.74 -8.60
CA HIS A 67 14.07 1.93 -9.53
C HIS A 67 14.93 3.11 -9.09
N GLY A 68 16.11 3.24 -9.70
CA GLY A 68 17.04 4.28 -9.31
C GLY A 68 18.40 4.06 -9.93
N SER A 69 19.40 4.79 -9.44
CA SER A 69 20.77 4.68 -9.94
C SER A 69 21.29 3.25 -9.95
N TYR A 70 20.92 2.51 -8.90
CA TYR A 70 21.31 1.10 -8.76
C TYR A 70 20.81 0.27 -9.94
N GLY A 71 19.53 0.46 -10.28
CA GLY A 71 18.88 -0.35 -11.30
C GLY A 71 17.39 -0.44 -11.03
N GLU A 72 16.85 -1.65 -11.03
CA GLU A 72 15.42 -1.83 -10.94
C GLU A 72 15.02 -3.00 -10.07
N VAL A 73 13.87 -2.87 -9.42
CA VAL A 73 13.26 -3.98 -8.71
C VAL A 73 11.88 -4.29 -9.31
N PHE A 74 11.67 -5.55 -9.66
CA PHE A 74 10.39 -5.95 -10.23
C PHE A 74 9.70 -6.93 -9.32
N LYS A 75 8.38 -6.82 -9.28
CA LYS A 75 7.54 -7.89 -8.76
C LYS A 75 7.42 -8.89 -9.90
N VAL A 76 7.81 -10.14 -9.64
CA VAL A 76 7.76 -11.15 -10.69
C VAL A 76 7.13 -12.45 -10.22
N ARG A 77 6.58 -13.21 -11.16
CA ARG A 77 6.18 -14.58 -10.89
C ARG A 77 7.12 -15.54 -11.61
N SER A 78 7.69 -16.49 -10.87
CA SER A 78 8.57 -17.50 -11.46
C SER A 78 7.80 -18.45 -12.36
N LYS A 79 8.45 -18.89 -13.44
CA LYS A 79 7.88 -19.89 -14.33
C LYS A 79 8.44 -21.25 -13.96
N GLU A 80 9.20 -21.28 -12.88
CA GLU A 80 9.63 -22.53 -12.28
C GLU A 80 8.60 -23.01 -11.26
N ASP A 81 8.26 -22.18 -10.27
CA ASP A 81 7.35 -22.65 -9.22
C ASP A 81 5.96 -21.96 -9.17
N GLY A 82 5.75 -20.91 -9.96
CA GLY A 82 4.50 -20.17 -9.94
C GLY A 82 4.40 -19.15 -8.81
N ARG A 83 5.37 -19.17 -7.90
CA ARG A 83 5.43 -18.23 -6.78
C ARG A 83 5.89 -16.84 -7.17
N LEU A 84 5.45 -15.86 -6.38
CA LEU A 84 5.84 -14.47 -6.53
C LEU A 84 7.17 -14.21 -5.82
N TYR A 85 7.99 -13.36 -6.43
CA TYR A 85 9.25 -12.91 -5.83
C TYR A 85 9.51 -11.47 -6.20
N ALA A 86 10.52 -10.88 -5.58
CA ALA A 86 11.08 -9.63 -6.06
C ALA A 86 12.42 -9.92 -6.73
N VAL A 87 12.73 -9.21 -7.80
CA VAL A 87 14.02 -9.37 -8.44
C VAL A 87 14.66 -8.01 -8.72
N LYS A 88 15.80 -7.78 -8.08
CA LYS A 88 16.59 -6.58 -8.34
C LYS A 88 17.59 -6.86 -9.47
N ARG A 89 17.74 -5.87 -10.34
CA ARG A 89 18.56 -5.98 -11.54
C ARG A 89 19.43 -4.74 -11.62
N SER A 90 20.73 -4.91 -11.76
CA SER A 90 21.62 -3.75 -11.80
C SER A 90 21.43 -3.03 -13.14
N MET A 91 21.79 -1.75 -13.19
CA MET A 91 21.43 -0.88 -14.33
C MET A 91 22.31 -1.07 -15.55
N SER A 92 23.61 -1.27 -15.35
CA SER A 92 24.53 -1.41 -16.48
C SER A 92 25.62 -2.43 -16.17
N PRO A 93 26.19 -3.05 -17.21
CA PRO A 93 27.18 -4.11 -17.00
C PRO A 93 28.39 -3.64 -16.21
N PHE A 94 28.87 -4.49 -15.31
CA PHE A 94 30.09 -4.28 -14.53
C PHE A 94 31.15 -3.48 -15.26
N ARG A 95 31.56 -2.38 -14.65
CA ARG A 95 32.53 -1.46 -15.20
C ARG A 95 33.97 -1.98 -15.14
N GLY A 96 34.22 -2.95 -14.27
CA GLY A 96 35.58 -3.42 -14.01
C GLY A 96 35.53 -4.45 -12.90
N PRO A 97 36.70 -4.94 -12.47
CA PRO A 97 36.77 -6.05 -11.52
C PRO A 97 36.28 -5.64 -10.13
N LYS A 98 36.55 -4.40 -9.75
CA LYS A 98 36.15 -3.90 -8.44
C LYS A 98 34.64 -3.69 -8.42
N ASP A 99 34.10 -3.10 -9.49
CA ASP A 99 32.67 -2.87 -9.58
C ASP A 99 31.90 -4.18 -9.48
N ARG A 100 32.40 -5.22 -10.15
CA ARG A 100 31.80 -6.54 -10.03
C ARG A 100 31.84 -7.07 -8.60
N ALA A 101 33.03 -7.06 -8.00
CA ALA A 101 33.22 -7.58 -6.65
C ALA A 101 32.37 -6.84 -5.62
N ARG A 102 32.23 -5.53 -5.82
CA ARG A 102 31.39 -4.70 -4.97
C ARG A 102 29.92 -5.14 -5.05
N LYS A 103 29.41 -5.30 -6.27
CA LYS A 103 28.00 -5.69 -6.44
C LYS A 103 27.78 -7.12 -5.99
N LEU A 104 28.68 -8.02 -6.38
CA LEU A 104 28.56 -9.40 -5.98
C LEU A 104 28.57 -9.54 -4.45
N ALA A 105 29.26 -8.64 -3.76
CA ALA A 105 29.33 -8.70 -2.30
C ALA A 105 27.97 -8.51 -1.60
N GLU A 106 27.00 -7.87 -2.27
CA GLU A 106 25.67 -7.79 -1.66
C GLU A 106 25.15 -9.20 -1.40
N VAL A 107 25.40 -10.11 -2.33
CA VAL A 107 24.95 -11.49 -2.18
C VAL A 107 25.65 -12.15 -1.00
N GLY A 108 26.94 -11.90 -0.85
CA GLY A 108 27.69 -12.41 0.28
C GLY A 108 27.11 -11.89 1.58
N SER A 109 26.78 -10.61 1.59
CA SER A 109 26.19 -9.99 2.78
C SER A 109 24.88 -10.65 3.15
N HIS A 110 24.07 -10.92 2.14
CA HIS A 110 22.73 -11.41 2.40
C HIS A 110 22.83 -12.84 2.90
N GLU A 111 23.79 -13.58 2.38
CA GLU A 111 24.03 -14.96 2.81
C GLU A 111 24.53 -15.08 4.25
N LYS A 112 25.37 -14.14 4.69
CA LYS A 112 25.89 -14.14 6.07
C LYS A 112 24.80 -13.96 7.11
N VAL A 113 23.66 -13.39 6.69
CA VAL A 113 22.56 -13.17 7.59
C VAL A 113 21.87 -14.50 7.87
N GLY A 114 21.67 -15.30 6.81
CA GLY A 114 21.02 -16.59 6.97
C GLY A 114 19.54 -16.41 7.21
N GLN A 115 18.87 -17.50 7.57
CA GLN A 115 17.43 -17.46 7.74
C GLN A 115 17.06 -16.93 9.14
N HIS A 116 16.06 -16.05 9.19
CA HIS A 116 15.50 -15.50 10.42
C HIS A 116 14.12 -14.90 10.12
N PRO A 117 13.15 -15.07 11.04
CA PRO A 117 11.77 -14.69 10.70
C PRO A 117 11.57 -13.20 10.45
N CYS A 118 12.46 -12.37 10.97
CA CYS A 118 12.37 -10.93 10.73
C CYS A 118 13.44 -10.40 9.75
N CYS A 119 14.03 -11.29 8.96
CA CYS A 119 14.95 -10.86 7.90
C CYS A 119 14.46 -11.32 6.52
N VAL A 120 14.48 -10.44 5.54
CA VAL A 120 14.09 -10.84 4.20
C VAL A 120 14.97 -11.99 3.73
N ARG A 121 14.34 -13.00 3.14
CA ARG A 121 15.01 -14.21 2.67
C ARG A 121 15.47 -14.07 1.23
N LEU A 122 16.75 -14.39 0.99
CA LEU A 122 17.30 -14.43 -0.36
C LEU A 122 17.02 -15.79 -0.99
N GLU A 123 16.41 -15.79 -2.19
CA GLU A 123 16.07 -17.04 -2.85
C GLU A 123 17.25 -17.55 -3.63
N GLN A 124 17.79 -16.69 -4.48
CA GLN A 124 18.97 -16.99 -5.27
C GLN A 124 19.45 -15.71 -5.93
N ALA A 125 20.65 -15.77 -6.51
CA ALA A 125 21.16 -14.66 -7.27
C ALA A 125 22.07 -15.16 -8.38
N TRP A 126 22.06 -14.47 -9.51
CA TRP A 126 22.91 -14.87 -10.63
C TRP A 126 23.39 -13.68 -11.41
N GLU A 127 24.35 -13.92 -12.30
CA GLU A 127 24.87 -12.91 -13.20
C GLU A 127 24.75 -13.38 -14.64
N GLU A 128 24.43 -12.45 -15.54
CA GLU A 128 24.40 -12.74 -16.98
C GLU A 128 24.74 -11.48 -17.75
N GLY A 129 25.71 -11.57 -18.65
CA GLY A 129 26.13 -10.42 -19.45
C GLY A 129 26.55 -9.24 -18.61
N GLY A 130 27.08 -9.50 -17.43
CA GLY A 130 27.64 -8.46 -16.58
C GLY A 130 26.60 -7.79 -15.71
N ILE A 131 25.37 -8.29 -15.78
CA ILE A 131 24.25 -7.79 -14.97
C ILE A 131 24.02 -8.74 -13.78
N LEU A 132 23.90 -8.19 -12.58
CA LEU A 132 23.57 -8.98 -11.39
C LEU A 132 22.06 -8.99 -11.06
N TYR A 133 21.54 -10.17 -10.73
CA TYR A 133 20.14 -10.32 -10.36
C TYR A 133 20.09 -10.91 -8.95
N LEU A 134 19.32 -10.27 -8.06
CA LEU A 134 19.00 -10.80 -6.73
C LEU A 134 17.52 -11.11 -6.64
N GLN A 135 17.20 -12.35 -6.30
CA GLN A 135 15.81 -12.77 -6.19
C GLN A 135 15.43 -13.05 -4.74
N THR A 136 14.59 -12.18 -4.16
CA THR A 136 14.15 -12.35 -2.79
C THR A 136 12.71 -12.79 -2.76
N GLU A 137 12.27 -13.30 -1.62
CA GLU A 137 10.86 -13.45 -1.37
C GLU A 137 10.22 -12.08 -1.52
N LEU A 138 8.95 -12.08 -1.91
CA LEU A 138 8.14 -10.87 -1.97
C LEU A 138 7.49 -10.63 -0.61
N CYS A 139 7.69 -9.43 -0.07
CA CYS A 139 7.00 -9.05 1.16
C CYS A 139 5.90 -8.04 0.84
N GLY A 140 5.17 -7.64 1.86
CA GLY A 140 4.22 -6.58 1.74
C GLY A 140 4.94 -5.26 1.55
N PRO A 141 4.19 -4.15 1.61
CA PRO A 141 4.79 -2.83 1.38
C PRO A 141 5.93 -2.52 2.35
N SER A 142 6.84 -1.64 1.94
CA SER A 142 7.82 -1.12 2.85
C SER A 142 7.08 -0.35 3.91
N LEU A 143 7.76 -0.09 5.02
CA LEU A 143 7.19 0.69 6.09
C LEU A 143 6.99 2.11 5.56
N GLN A 144 7.88 2.51 4.65
CA GLN A 144 7.83 3.83 4.05
C GLN A 144 6.54 4.02 3.27
N GLN A 145 6.21 3.05 2.39
CA GLN A 145 4.94 3.09 1.64
C GLN A 145 3.74 3.08 2.56
N HIS A 146 3.83 2.29 3.63
CA HIS A 146 2.67 2.06 4.49
C HIS A 146 2.34 3.36 5.21
N CYS A 147 3.38 4.04 5.71
CA CYS A 147 3.19 5.33 6.38
C CYS A 147 2.69 6.40 5.42
N GLU A 148 3.32 6.42 4.25
CA GLU A 148 2.94 7.32 3.20
C GLU A 148 1.44 7.11 2.86
N ALA A 149 1.01 5.87 2.70
CA ALA A 149 -0.40 5.61 2.35
C ALA A 149 -1.37 6.05 3.45
N TRP A 150 -0.99 5.86 4.70
CA TRP A 150 -1.86 6.26 5.77
C TRP A 150 -1.80 7.72 6.04
N GLY A 151 -0.75 8.34 5.58
CA GLY A 151 -0.58 9.75 5.73
C GLY A 151 -0.68 10.35 7.11
N ALA A 152 -0.28 9.60 8.12
CA ALA A 152 -0.32 10.10 9.47
C ALA A 152 0.54 9.24 10.38
N SER A 153 0.70 9.67 11.63
CA SER A 153 1.47 8.92 12.58
C SER A 153 0.81 7.60 12.76
N LEU A 154 1.57 6.52 12.80
CA LEU A 154 1.00 5.22 13.00
C LEU A 154 0.61 5.06 14.46
N PRO A 155 -0.42 4.27 14.74
CA PRO A 155 -0.83 4.02 16.13
C PRO A 155 0.29 3.35 16.92
N GLU A 156 0.41 3.73 18.17
CA GLU A 156 1.47 3.22 19.02
C GLU A 156 1.55 1.71 19.06
N ALA A 157 0.40 1.04 19.06
CA ALA A 157 0.40 -0.42 19.09
C ALA A 157 1.09 -1.05 17.87
N GLN A 158 1.01 -0.38 16.71
CA GLN A 158 1.70 -0.86 15.52
C GLN A 158 3.20 -0.68 15.62
N VAL A 159 3.57 0.54 16.01
CA VAL A 159 4.95 0.91 16.24
C VAL A 159 5.68 -0.09 17.11
N TRP A 160 5.07 -0.50 18.24
CA TRP A 160 5.74 -1.40 19.18
C TRP A 160 6.06 -2.74 18.52
N GLY A 161 5.13 -3.23 17.72
CA GLY A 161 5.34 -4.45 16.96
C GLY A 161 6.45 -4.32 15.94
N TYR A 162 6.47 -3.22 15.19
CA TYR A 162 7.56 -3.00 14.23
C TYR A 162 8.89 -2.74 14.95
N LEU A 163 8.86 -1.98 16.05
CA LEU A 163 10.07 -1.75 16.81
C LEU A 163 10.61 -3.08 17.30
N ARG A 164 9.73 -3.98 17.71
CA ARG A 164 10.16 -5.27 18.26
C ARG A 164 10.64 -6.23 17.18
N ASP A 165 9.95 -6.31 16.06
CA ASP A 165 10.44 -7.13 14.95
C ASP A 165 11.82 -6.70 14.45
N THR A 166 12.02 -5.40 14.33
CA THR A 166 13.26 -4.92 13.76
C THR A 166 14.41 -5.05 14.75
N LEU A 167 14.12 -4.97 16.06
CA LEU A 167 15.16 -5.21 17.07
C LEU A 167 15.57 -6.67 17.04
N LEU A 168 14.59 -7.57 16.86
CA LEU A 168 14.91 -8.99 16.72
C LEU A 168 15.79 -9.23 15.51
N ALA A 169 15.54 -8.49 14.43
CA ALA A 169 16.37 -8.63 13.25
C ALA A 169 17.77 -8.14 13.56
N LEU A 170 17.84 -6.98 14.19
CA LEU A 170 19.11 -6.37 14.54
C LEU A 170 19.91 -7.26 15.48
N ALA A 171 19.27 -7.81 16.50
CA ALA A 171 20.02 -8.64 17.44
C ALA A 171 20.55 -9.87 16.73
N HIS A 172 19.81 -10.38 15.75
CA HIS A 172 20.32 -11.49 14.96
C HIS A 172 21.61 -11.08 14.20
N LEU A 173 21.58 -9.93 13.53
CA LEU A 173 22.77 -9.42 12.84
C LEU A 173 23.95 -9.16 13.80
N HIS A 174 23.71 -8.31 14.79
CA HIS A 174 24.75 -7.92 15.76
C HIS A 174 25.41 -9.10 16.44
N SER A 175 24.66 -10.16 16.69
CA SER A 175 25.22 -11.35 17.33
C SER A 175 26.23 -12.05 16.42
N GLN A 176 26.28 -11.62 15.16
CA GLN A 176 27.18 -12.22 14.19
C GLN A 176 28.19 -11.19 13.69
N GLY A 177 28.29 -10.06 14.38
CA GLY A 177 29.22 -9.02 13.99
C GLY A 177 28.86 -8.33 12.69
N LEU A 178 27.57 -8.29 12.38
CA LEU A 178 27.07 -7.64 11.18
C LEU A 178 26.44 -6.30 11.51
N VAL A 179 26.70 -5.29 10.69
CA VAL A 179 26.02 -4.01 10.84
C VAL A 179 25.35 -3.67 9.51
N HIS A 180 24.03 -3.46 9.59
CA HIS A 180 23.19 -3.23 8.42
C HIS A 180 23.57 -1.92 7.75
N LEU A 181 23.69 -0.88 8.58
CA LEU A 181 24.09 0.47 8.20
C LEU A 181 23.06 1.23 7.38
N ASP A 182 21.93 0.60 7.10
CA ASP A 182 20.93 1.25 6.29
C ASP A 182 19.55 0.96 6.86
N VAL A 183 19.39 1.06 8.17
CA VAL A 183 18.08 0.84 8.79
C VAL A 183 17.23 2.07 8.57
N LYS A 184 16.07 1.87 7.93
CA LYS A 184 15.18 2.97 7.58
C LYS A 184 13.88 2.38 7.08
N PRO A 185 12.80 3.18 7.02
CA PRO A 185 11.50 2.60 6.62
C PRO A 185 11.48 1.95 5.23
N ALA A 186 12.25 2.48 4.28
CA ALA A 186 12.30 1.90 2.93
C ALA A 186 12.90 0.49 2.89
N ASN A 187 13.62 0.13 3.95
CA ASN A 187 14.27 -1.19 4.03
C ASN A 187 13.58 -2.13 5.02
N ILE A 188 12.40 -1.73 5.50
CA ILE A 188 11.67 -2.57 6.43
C ILE A 188 10.34 -2.90 5.73
N PHE A 189 10.00 -4.19 5.66
CA PHE A 189 8.87 -4.60 4.89
C PHE A 189 7.80 -5.31 5.70
N LEU A 190 6.55 -4.90 5.50
CA LEU A 190 5.43 -5.49 6.23
C LEU A 190 5.22 -6.97 5.89
N GLY A 191 4.85 -7.73 6.91
CA GLY A 191 4.45 -9.12 6.73
C GLY A 191 3.07 -9.28 7.31
N PRO A 192 2.51 -10.49 7.24
CA PRO A 192 1.14 -10.69 7.68
C PRO A 192 0.90 -10.37 9.17
N ARG A 193 -0.32 -9.96 9.47
CA ARG A 193 -0.80 -9.68 10.83
C ARG A 193 0.10 -8.74 11.62
N GLY A 194 0.51 -7.63 11.01
CA GLY A 194 1.19 -6.59 11.75
C GLY A 194 2.68 -6.81 12.04
N ARG A 195 3.29 -7.84 11.45
CA ARG A 195 4.73 -8.05 11.62
C ARG A 195 5.56 -7.41 10.50
N CYS A 196 6.87 -7.40 10.67
CA CYS A 196 7.71 -6.86 9.60
C CYS A 196 9.08 -7.52 9.52
N LYS A 197 9.76 -7.27 8.40
CA LYS A 197 11.06 -7.85 8.10
C LYS A 197 12.08 -6.79 7.69
N LEU A 198 13.29 -6.93 8.18
CA LEU A 198 14.35 -6.05 7.82
C LEU A 198 15.01 -6.66 6.60
N GLY A 199 15.20 -5.86 5.57
CA GLY A 199 15.85 -6.34 4.37
C GLY A 199 16.79 -5.34 3.76
N ASP A 200 17.26 -5.63 2.55
CA ASP A 200 18.18 -4.78 1.79
C ASP A 200 19.56 -4.59 2.35
N PHE A 201 20.29 -5.69 2.39
CA PHE A 201 21.62 -5.74 2.93
C PHE A 201 22.73 -5.26 2.00
N GLY A 202 22.52 -4.15 1.36
CA GLY A 202 23.49 -3.61 0.45
C GLY A 202 24.70 -3.02 1.10
N LEU A 203 24.51 -2.35 2.22
CA LEU A 203 25.59 -1.75 2.91
C LEU A 203 25.99 -2.56 4.09
N LEU A 204 25.49 -3.76 4.23
CA LEU A 204 25.86 -4.52 5.41
C LEU A 204 27.35 -4.81 5.44
N VAL A 205 27.95 -4.71 6.62
CA VAL A 205 29.36 -4.99 6.79
C VAL A 205 29.56 -6.04 7.88
N GLU A 206 30.63 -6.81 7.76
CA GLU A 206 30.98 -7.75 8.81
C GLU A 206 32.14 -7.19 9.62
N LEU A 207 31.87 -6.84 10.86
CA LEU A 207 32.86 -6.25 11.72
C LEU A 207 34.12 -7.06 11.89
N GLY A 208 35.22 -6.35 12.01
CA GLY A 208 36.54 -6.91 12.16
C GLY A 208 37.23 -6.99 10.82
N THR A 209 36.45 -6.87 9.74
CA THR A 209 36.99 -6.87 8.40
C THR A 209 36.85 -5.48 7.85
N ALA A 210 37.98 -4.84 7.61
CA ALA A 210 38.01 -3.47 7.10
C ALA A 210 37.44 -3.24 5.70
N GLY A 211 37.71 -4.14 4.77
CA GLY A 211 37.25 -3.95 3.40
C GLY A 211 37.09 -5.24 2.65
N ALA A 212 36.88 -5.17 1.34
CA ALA A 212 36.75 -3.91 0.60
C ALA A 212 36.05 -4.13 -0.74
N GLY A 213 35.45 -3.09 -1.30
CA GLY A 213 35.36 -1.77 -0.69
C GLY A 213 34.45 -1.82 0.52
N GLU A 214 34.74 -1.04 1.54
CA GLU A 214 33.90 -1.09 2.74
C GLU A 214 33.18 0.19 3.13
N VAL A 215 32.07 0.02 3.81
CA VAL A 215 31.26 1.12 4.27
C VAL A 215 30.86 2.14 3.25
N GLN A 216 30.02 1.72 2.32
CA GLN A 216 29.52 2.63 1.33
C GLN A 216 28.66 3.58 2.16
N GLU A 217 28.46 4.79 1.70
CA GLU A 217 27.71 5.78 2.45
C GLU A 217 26.20 5.56 2.59
N GLY A 218 25.68 5.79 3.78
CA GLY A 218 24.26 5.65 4.08
C GLY A 218 23.46 6.93 4.00
N ASP A 219 22.16 6.85 4.26
CA ASP A 219 21.32 8.04 4.26
C ASP A 219 21.62 8.85 5.52
N PRO A 220 22.09 10.10 5.35
CA PRO A 220 22.47 10.97 6.49
C PRO A 220 21.35 11.27 7.46
N ARG A 221 20.10 11.16 7.00
CA ARG A 221 18.96 11.41 7.86
C ARG A 221 18.94 10.42 9.01
N TYR A 222 19.45 9.21 8.79
CA TYR A 222 19.42 8.16 9.82
C TYR A 222 20.81 7.83 10.40
N MET A 223 21.79 8.61 10.04
CA MET A 223 23.16 8.31 10.44
C MET A 223 23.43 8.54 11.93
N ALA A 224 23.93 7.52 12.60
CA ALA A 224 24.40 7.71 13.97
C ALA A 224 25.50 8.76 13.97
N PRO A 225 25.51 9.64 14.98
CA PRO A 225 26.46 10.77 15.00
C PRO A 225 27.95 10.36 14.93
N GLU A 226 28.32 9.21 15.48
CA GLU A 226 29.73 8.82 15.54
C GLU A 226 30.25 8.38 14.16
N LEU A 227 29.33 8.07 13.25
CA LEU A 227 29.72 7.68 11.90
C LEU A 227 30.39 8.85 11.20
N LEU A 228 29.97 10.06 11.56
CA LEU A 228 30.58 11.26 10.98
C LEU A 228 32.10 11.23 11.07
N GLN A 229 32.61 10.74 12.19
CA GLN A 229 34.04 10.69 12.44
C GLN A 229 34.59 9.27 12.24
N GLY A 230 33.85 8.48 11.46
CA GLY A 230 34.30 7.16 11.02
C GLY A 230 34.31 6.08 12.10
N SER A 231 33.45 6.22 13.10
CA SER A 231 33.38 5.22 14.15
C SER A 231 32.21 4.31 13.87
N TYR A 232 32.50 3.07 13.49
CA TYR A 232 31.47 2.13 13.06
C TYR A 232 31.32 1.00 14.06
N GLY A 233 30.08 0.58 14.26
CA GLY A 233 29.79 -0.52 15.16
C GLY A 233 28.30 -0.83 15.10
N THR A 234 27.91 -1.94 15.70
CA THR A 234 26.51 -2.32 15.78
C THR A 234 25.64 -1.24 16.40
N ALA A 235 26.24 -0.35 17.18
CA ALA A 235 25.47 0.71 17.82
C ALA A 235 24.86 1.66 16.81
N ALA A 236 25.49 1.78 15.65
CA ALA A 236 24.98 2.63 14.57
C ALA A 236 23.52 2.24 14.21
N ASP A 237 23.26 0.93 14.09
CA ASP A 237 21.93 0.44 13.69
C ASP A 237 20.84 0.76 14.70
N VAL A 238 21.20 0.75 15.98
CA VAL A 238 20.27 1.03 17.06
C VAL A 238 19.85 2.48 16.92
N PHE A 239 20.81 3.36 16.68
CA PHE A 239 20.47 4.75 16.50
C PHE A 239 19.58 4.96 15.24
N SER A 240 19.87 4.26 14.14
CA SER A 240 19.08 4.40 12.91
C SER A 240 17.64 3.97 13.13
N LEU A 241 17.46 2.80 13.74
CA LEU A 241 16.12 2.33 14.09
C LEU A 241 15.42 3.34 15.00
N GLY A 242 16.20 3.95 15.91
CA GLY A 242 15.71 5.03 16.76
C GLY A 242 15.03 6.15 15.97
N LEU A 243 15.73 6.72 15.00
CA LEU A 243 15.12 7.76 14.14
C LEU A 243 14.00 7.20 13.27
N THR A 244 14.15 5.94 12.85
CA THR A 244 13.16 5.27 12.03
C THR A 244 11.81 5.15 12.76
N ILE A 245 11.86 4.81 14.03
CA ILE A 245 10.69 4.62 14.87
C ILE A 245 10.10 5.98 15.18
N LEU A 246 10.98 6.94 15.45
CA LEU A 246 10.58 8.32 15.67
C LEU A 246 9.82 8.88 14.47
N GLU A 247 10.35 8.64 13.27
CA GLU A 247 9.74 9.16 12.05
C GLU A 247 8.34 8.62 11.81
N VAL A 248 8.16 7.31 11.96
CA VAL A 248 6.88 6.69 11.69
C VAL A 248 5.92 6.95 12.86
N ALA A 249 6.46 7.06 14.07
CA ALA A 249 5.63 7.27 15.26
C ALA A 249 5.07 8.67 15.30
N CYS A 250 5.80 9.64 14.74
CA CYS A 250 5.39 11.04 14.85
C CYS A 250 5.09 11.72 13.52
N ASN A 251 5.06 10.94 12.44
CA ASN A 251 4.77 11.47 11.10
C ASN A 251 5.72 12.63 10.81
N MET A 252 7.00 12.40 11.04
CA MET A 252 7.98 13.47 11.03
C MET A 252 9.01 13.26 9.93
N GLU A 253 9.33 14.31 9.18
CA GLU A 253 10.40 14.18 8.21
C GLU A 253 11.74 14.48 8.86
N LEU A 254 12.71 13.61 8.63
CA LEU A 254 14.03 13.78 9.20
C LEU A 254 14.84 14.73 8.35
N PRO A 255 15.61 15.64 8.99
CA PRO A 255 16.49 16.61 8.32
C PRO A 255 17.76 15.99 7.77
N HIS A 256 18.12 16.42 6.55
CA HIS A 256 19.34 15.98 5.89
C HIS A 256 20.62 16.49 6.53
N GLY A 257 20.55 17.67 7.14
CA GLY A 257 21.72 18.36 7.64
C GLY A 257 21.32 19.57 8.47
N GLY A 258 22.25 20.50 8.67
CA GLY A 258 21.98 21.73 9.39
C GLY A 258 21.69 21.54 10.87
N GLU A 259 21.33 22.63 11.53
CA GLU A 259 20.95 22.62 12.93
C GLU A 259 19.94 21.51 13.28
N GLY A 260 18.95 21.31 12.41
CA GLY A 260 17.93 20.30 12.64
C GLY A 260 18.49 18.90 12.76
N TRP A 261 19.46 18.57 11.91
CA TRP A 261 20.17 17.30 11.98
C TRP A 261 20.93 17.18 13.31
N GLN A 262 21.48 18.31 13.75
CA GLN A 262 22.27 18.33 14.96
C GLN A 262 21.37 18.15 16.18
N GLN A 263 20.19 18.75 16.13
CA GLN A 263 19.26 18.72 17.27
C GLN A 263 18.83 17.30 17.67
N LEU A 264 18.74 16.41 16.69
CA LEU A 264 18.36 15.01 16.98
C LEU A 264 19.50 14.17 17.53
N ARG A 265 20.68 14.76 17.66
CA ARG A 265 21.85 13.96 17.95
C ARG A 265 22.56 14.45 19.20
N GLN A 266 21.81 15.12 20.06
CA GLN A 266 22.42 15.66 21.27
C GLN A 266 21.72 15.14 22.53
N GLY A 267 20.93 14.08 22.35
CA GLY A 267 20.35 13.35 23.46
C GLY A 267 18.86 13.58 23.64
N TYR A 268 18.48 14.84 23.83
CA TYR A 268 17.08 15.19 23.99
C TYR A 268 16.27 14.92 22.74
N LEU A 269 14.96 14.97 22.89
CA LEU A 269 14.04 14.86 21.77
C LEU A 269 13.42 16.20 21.45
N PRO A 270 13.31 16.51 20.15
CA PRO A 270 12.46 17.61 19.72
C PRO A 270 11.05 17.47 20.30
N PRO A 271 10.60 18.46 21.11
CA PRO A 271 9.31 18.46 21.82
C PRO A 271 8.09 18.73 20.96
N GLU A 272 8.27 19.08 19.68
CA GLU A 272 7.15 19.48 18.81
C GLU A 272 6.24 18.30 18.49
N PHE A 273 6.82 17.26 17.89
CA PHE A 273 6.05 16.14 17.35
C PHE A 273 6.18 14.91 18.24
N THR A 274 7.02 15.04 19.25
CA THR A 274 7.21 13.99 20.25
C THR A 274 6.08 13.99 21.29
N ALA A 275 5.19 14.97 21.18
CA ALA A 275 4.08 15.16 22.12
C ALA A 275 3.26 13.89 22.35
N GLY A 276 2.79 13.27 21.28
CA GLY A 276 1.89 12.13 21.39
C GLY A 276 2.49 10.87 22.00
N LEU A 277 3.82 10.80 22.07
CA LEU A 277 4.45 9.58 22.52
C LEU A 277 4.09 9.26 23.99
N SER A 278 3.74 8.01 24.26
CA SER A 278 3.60 7.54 25.64
C SER A 278 4.94 7.67 26.34
N SER A 279 4.90 7.64 27.67
CA SER A 279 6.13 7.67 28.46
C SER A 279 7.08 6.53 28.14
N GLU A 280 6.52 5.34 27.95
CA GLU A 280 7.33 4.17 27.68
C GLU A 280 8.03 4.30 26.31
N LEU A 281 7.33 4.78 25.29
CA LEU A 281 7.95 4.90 23.98
C LEU A 281 9.04 5.96 24.03
N ARG A 282 8.71 7.11 24.63
CA ARG A 282 9.68 8.21 24.71
C ARG A 282 10.93 7.74 25.45
N SER A 283 10.73 6.99 26.51
CA SER A 283 11.82 6.42 27.29
C SER A 283 12.73 5.56 26.43
N VAL A 284 12.15 4.67 25.65
CA VAL A 284 12.95 3.76 24.82
C VAL A 284 13.68 4.51 23.69
N LEU A 285 13.06 5.55 23.16
CA LEU A 285 13.66 6.30 22.06
C LEU A 285 14.87 7.09 22.56
N VAL A 286 14.80 7.59 23.79
CA VAL A 286 15.94 8.30 24.41
C VAL A 286 17.14 7.36 24.62
N MET A 287 16.85 6.10 24.96
CA MET A 287 17.89 5.08 25.06
C MET A 287 18.59 4.82 23.72
N MET A 288 17.80 4.72 22.66
CA MET A 288 18.29 4.44 21.32
C MET A 288 19.00 5.62 20.69
N LEU A 289 18.56 6.84 21.02
CA LEU A 289 19.17 8.04 20.45
C LEU A 289 20.35 8.58 21.28
N GLU A 290 20.82 7.81 22.26
CA GLU A 290 22.00 8.17 23.06
C GLU A 290 23.21 8.45 22.14
N PRO A 291 23.67 9.72 22.09
CA PRO A 291 24.71 10.15 21.14
C PRO A 291 26.00 9.33 21.22
N ASP A 292 26.34 8.92 22.44
CA ASP A 292 27.55 8.17 22.73
C ASP A 292 27.35 6.67 22.55
N PRO A 293 27.95 6.10 21.48
CA PRO A 293 27.77 4.68 21.15
C PRO A 293 28.15 3.78 22.32
N LYS A 294 29.13 4.20 23.11
CA LYS A 294 29.51 3.48 24.32
C LYS A 294 28.38 3.40 25.36
N LEU A 295 27.46 4.36 25.34
CA LEU A 295 26.41 4.43 26.37
C LEU A 295 25.04 4.03 25.80
N ARG A 296 24.95 3.94 24.47
CA ARG A 296 23.68 3.62 23.79
C ARG A 296 23.28 2.17 24.06
N ALA A 297 22.00 1.98 24.40
CA ALA A 297 21.46 0.64 24.59
C ALA A 297 21.76 -0.26 23.40
N THR A 298 22.02 -1.52 23.68
CA THR A 298 22.06 -2.52 22.61
C THR A 298 20.66 -3.04 22.31
N ALA A 299 20.54 -3.77 21.20
CA ALA A 299 19.25 -4.35 20.81
C ALA A 299 18.85 -5.44 21.81
N GLU A 300 19.83 -6.21 22.28
CA GLU A 300 19.59 -7.21 23.31
C GLU A 300 19.03 -6.58 24.59
N ALA A 301 19.66 -5.49 25.02
CA ALA A 301 19.24 -4.78 26.22
C ALA A 301 17.81 -4.21 26.05
N LEU A 302 17.54 -3.64 24.87
CA LEU A 302 16.22 -3.08 24.59
C LEU A 302 15.16 -4.16 24.67
N LEU A 303 15.44 -5.31 24.06
CA LEU A 303 14.49 -6.41 24.03
C LEU A 303 14.24 -7.03 25.41
N ALA A 304 15.12 -6.77 26.38
CA ALA A 304 14.94 -7.27 27.76
C ALA A 304 14.26 -6.25 28.69
N LEU A 305 13.92 -5.08 28.15
CA LEU A 305 13.10 -4.12 28.90
C LEU A 305 11.66 -4.64 28.97
N PRO A 306 10.96 -4.36 30.09
CA PRO A 306 9.59 -4.87 30.30
C PRO A 306 8.63 -4.57 29.15
N VAL A 307 8.60 -3.32 28.70
CA VAL A 307 7.69 -2.91 27.63
C VAL A 307 7.86 -3.66 26.31
N LEU A 308 8.96 -4.39 26.15
CA LEU A 308 9.29 -4.99 24.86
C LEU A 308 9.40 -6.52 24.84
N ARG A 309 8.68 -7.20 25.72
CA ARG A 309 8.59 -8.66 25.63
C ARG A 309 7.21 -9.14 26.05
N GLN A 310 6.72 -10.20 25.39
CA GLN A 310 5.40 -10.76 25.69
C GLN A 310 5.42 -11.63 26.96
N LEU B 26 -9.95 27.56 -25.11
CA LEU B 26 -9.42 26.33 -24.54
C LEU B 26 -9.54 26.34 -23.02
N GLN B 27 -10.27 27.33 -22.53
CA GLN B 27 -10.46 27.51 -21.12
C GLN B 27 -10.95 26.23 -20.45
N PRO B 28 -10.18 25.76 -19.39
CA PRO B 28 -10.69 24.55 -18.76
C PRO B 28 -12.04 24.90 -18.19
N ARG B 29 -12.98 23.97 -18.21
CA ARG B 29 -14.31 24.32 -17.75
C ARG B 29 -14.86 23.41 -16.67
N ARG B 30 -15.55 23.99 -15.71
CA ARG B 30 -16.13 23.16 -14.66
C ARG B 30 -17.14 22.21 -15.28
N VAL B 31 -17.19 21.01 -14.73
CA VAL B 31 -18.18 20.03 -15.12
C VAL B 31 -19.14 19.86 -13.96
N SER B 32 -20.40 20.20 -14.18
CA SER B 32 -21.39 20.04 -13.12
C SER B 32 -22.78 20.00 -13.72
N PHE B 33 -23.64 19.19 -13.11
CA PHE B 33 -25.02 19.06 -13.59
C PHE B 33 -26.02 19.82 -12.71
N ARG B 34 -25.51 20.63 -11.78
CA ARG B 34 -26.35 21.51 -10.99
C ARG B 34 -26.79 22.65 -11.90
N GLY B 35 -25.84 23.16 -12.71
CA GLY B 35 -26.11 24.27 -13.61
C GLY B 35 -26.53 23.88 -15.02
N GLU B 36 -27.47 24.66 -15.53
CA GLU B 36 -27.97 24.56 -16.88
C GLU B 36 -26.78 24.94 -17.74
N ALA B 37 -26.01 25.88 -17.21
CA ALA B 37 -24.81 26.38 -17.87
C ALA B 37 -23.53 26.07 -17.09
N SER B 38 -22.45 25.89 -17.83
CA SER B 38 -21.16 25.62 -17.26
C SER B 38 -20.83 26.86 -16.49
N GLU B 39 -20.03 26.70 -15.46
CA GLU B 39 -19.59 27.82 -14.66
C GLU B 39 -18.14 27.79 -14.87
N THR B 40 -17.52 28.94 -14.74
CA THR B 40 -16.11 28.98 -14.88
C THR B 40 -15.54 29.26 -13.53
N LEU B 41 -14.71 28.35 -13.06
CA LEU B 41 -14.05 28.54 -11.80
C LEU B 41 -12.61 28.34 -12.13
N GLN B 42 -11.84 29.36 -11.83
CA GLN B 42 -10.42 29.35 -12.05
C GLN B 42 -9.96 29.70 -10.66
N SER B 43 -8.99 28.98 -10.13
CA SER B 43 -8.54 29.30 -8.81
C SER B 43 -7.11 29.68 -8.91
N PRO B 44 -6.77 30.89 -8.50
CA PRO B 44 -5.34 31.22 -8.56
C PRO B 44 -4.46 30.45 -7.55
N GLY B 45 -3.20 30.22 -7.93
CA GLY B 45 -2.63 30.74 -9.16
C GLY B 45 -2.52 29.84 -10.38
N TYR B 46 -3.57 29.94 -11.17
CA TYR B 46 -3.63 29.33 -12.48
C TYR B 46 -3.48 30.50 -13.41
N ASP B 47 -2.56 30.45 -14.36
CA ASP B 47 -2.54 31.55 -15.29
C ASP B 47 -2.83 31.12 -16.73
N PRO B 48 -4.03 31.47 -17.22
CA PRO B 48 -4.62 31.08 -18.52
C PRO B 48 -3.78 31.47 -19.74
N SER B 49 -2.63 32.11 -19.53
CA SER B 49 -1.82 32.59 -20.64
C SER B 49 -0.59 31.72 -20.91
N ARG B 50 -0.16 30.96 -19.92
CA ARG B 50 0.91 29.99 -20.16
C ARG B 50 0.33 28.73 -20.79
N PRO B 51 1.17 27.91 -21.45
CA PRO B 51 0.74 26.64 -22.06
C PRO B 51 0.44 25.59 -21.01
N GLU B 52 0.24 26.06 -19.79
CA GLU B 52 0.02 25.24 -18.60
C GLU B 52 -1.42 24.87 -18.28
N SER B 53 -1.70 23.58 -18.16
CA SER B 53 -3.05 23.10 -17.85
C SER B 53 -3.44 23.59 -16.48
N PHE B 54 -4.73 23.70 -16.23
CA PHE B 54 -5.21 24.05 -14.90
C PHE B 54 -4.59 23.08 -13.91
N PHE B 55 -4.65 21.81 -14.26
CA PHE B 55 -4.15 20.70 -13.43
C PHE B 55 -2.71 20.94 -13.02
N GLN B 56 -1.89 21.48 -13.92
CA GLN B 56 -0.46 21.61 -13.62
C GLN B 56 -0.02 22.93 -12.96
N GLN B 57 -0.76 24.02 -13.14
CA GLN B 57 -0.45 25.22 -12.33
C GLN B 57 -1.14 25.23 -10.97
N SER B 58 -2.18 24.44 -10.79
CA SER B 58 -3.03 24.63 -9.62
C SER B 58 -2.86 23.50 -8.57
N PHE B 59 -2.04 22.50 -8.89
CA PHE B 59 -1.81 21.39 -7.98
C PHE B 59 -0.35 20.97 -8.01
N GLN B 60 0.11 20.47 -6.86
CA GLN B 60 1.39 19.80 -6.78
C GLN B 60 1.20 18.29 -6.82
N ARG B 61 1.73 17.64 -7.85
CA ARG B 61 1.66 16.20 -7.99
C ARG B 61 2.58 15.46 -7.02
N LEU B 62 2.00 14.90 -5.96
CA LEU B 62 2.79 14.19 -4.95
C LEU B 62 3.13 12.76 -5.39
N SER B 63 2.13 12.02 -5.88
CA SER B 63 2.37 10.72 -6.50
C SER B 63 1.18 10.21 -7.32
N ARG B 64 1.35 8.99 -7.86
CA ARG B 64 0.28 8.33 -8.58
C ARG B 64 -0.26 7.15 -7.77
N LEU B 65 -1.53 7.24 -7.38
CA LEU B 65 -2.17 6.21 -6.55
C LEU B 65 -2.53 4.97 -7.37
N GLY B 66 -3.03 5.19 -8.58
CA GLY B 66 -3.44 4.09 -9.43
C GLY B 66 -3.36 4.49 -10.90
N HIS B 67 -3.52 3.49 -11.76
CA HIS B 67 -3.57 3.70 -13.20
C HIS B 67 -4.21 2.47 -13.83
N GLY B 68 -4.97 2.68 -14.89
CA GLY B 68 -5.65 1.62 -15.61
C GLY B 68 -6.08 2.11 -16.96
N SER B 69 -6.97 1.38 -17.60
CA SER B 69 -7.43 1.77 -18.92
C SER B 69 -8.32 2.99 -18.85
N TYR B 70 -8.68 3.37 -17.66
CA TYR B 70 -9.53 4.51 -17.47
C TYR B 70 -8.67 5.75 -17.38
N GLY B 71 -7.41 5.55 -17.10
CA GLY B 71 -6.46 6.65 -16.96
C GLY B 71 -5.70 6.56 -15.64
N GLU B 72 -5.55 7.68 -14.96
CA GLU B 72 -4.70 7.75 -13.78
C GLU B 72 -5.35 8.46 -12.59
N VAL B 73 -5.03 7.98 -11.38
CA VAL B 73 -5.41 8.67 -10.16
C VAL B 73 -4.18 9.16 -9.42
N PHE B 74 -4.12 10.46 -9.15
CA PHE B 74 -2.97 11.08 -8.50
C PHE B 74 -3.29 11.57 -7.10
N LYS B 75 -2.25 11.62 -6.28
CA LYS B 75 -2.33 12.22 -4.96
C LYS B 75 -1.78 13.61 -5.23
N VAL B 76 -2.45 14.65 -4.76
CA VAL B 76 -1.99 16.00 -5.03
C VAL B 76 -2.25 16.97 -3.91
N ARG B 77 -1.66 18.15 -4.01
CA ARG B 77 -1.90 19.18 -3.03
C ARG B 77 -2.42 20.39 -3.76
N SER B 78 -3.50 20.92 -3.26
CA SER B 78 -4.17 22.06 -3.83
C SER B 78 -3.44 23.34 -3.58
N LYS B 79 -3.14 24.08 -4.64
CA LYS B 79 -2.47 25.36 -4.45
C LYS B 79 -3.47 26.45 -4.02
N GLU B 80 -4.75 26.10 -3.90
CA GLU B 80 -5.79 27.10 -3.61
C GLU B 80 -6.18 27.15 -2.13
N ASP B 81 -6.04 26.03 -1.42
CA ASP B 81 -6.37 26.02 0.01
C ASP B 81 -5.39 25.19 0.87
N GLY B 82 -4.32 24.69 0.25
CA GLY B 82 -3.30 23.94 0.95
C GLY B 82 -3.63 22.49 1.27
N ARG B 83 -4.91 22.11 1.17
CA ARG B 83 -5.34 20.77 1.56
C ARG B 83 -4.93 19.69 0.54
N LEU B 84 -5.01 18.43 0.95
CA LEU B 84 -4.68 17.30 0.09
C LEU B 84 -5.90 16.74 -0.66
N TYR B 85 -5.71 16.34 -1.92
CA TYR B 85 -6.82 15.73 -2.67
C TYR B 85 -6.37 14.55 -3.53
N ALA B 86 -7.35 13.87 -4.10
CA ALA B 86 -7.11 12.87 -5.13
C ALA B 86 -7.73 13.34 -6.44
N VAL B 87 -6.94 13.35 -7.52
CA VAL B 87 -7.44 13.75 -8.83
C VAL B 87 -7.38 12.60 -9.83
N LYS B 88 -8.53 12.18 -10.36
CA LYS B 88 -8.54 11.20 -11.44
C LYS B 88 -8.55 11.90 -12.80
N ARG B 89 -7.70 11.42 -13.69
CA ARG B 89 -7.50 11.99 -15.03
C ARG B 89 -7.71 10.89 -16.06
N SER B 90 -8.62 11.11 -17.02
CA SER B 90 -8.84 10.09 -18.03
C SER B 90 -7.59 9.97 -18.91
N MET B 91 -7.49 8.85 -19.63
CA MET B 91 -6.26 8.49 -20.33
C MET B 91 -5.99 9.31 -21.58
N SER B 92 -6.98 9.34 -22.46
CA SER B 92 -6.83 9.98 -23.78
C SER B 92 -8.10 10.77 -24.11
N PRO B 93 -7.95 11.84 -24.91
CA PRO B 93 -9.08 12.69 -25.32
C PRO B 93 -10.33 11.93 -25.73
N PHE B 94 -11.51 12.46 -25.40
CA PHE B 94 -12.80 11.95 -25.92
C PHE B 94 -12.69 11.58 -27.39
N ARG B 95 -13.18 10.43 -27.76
CA ARG B 95 -13.12 10.05 -29.14
C ARG B 95 -14.31 10.59 -29.91
N GLY B 96 -15.43 10.74 -29.24
CA GLY B 96 -16.65 11.18 -29.87
C GLY B 96 -17.59 11.75 -28.82
N PRO B 97 -18.80 12.19 -29.22
CA PRO B 97 -19.78 12.76 -28.29
C PRO B 97 -20.23 11.75 -27.26
N LYS B 98 -20.35 10.48 -27.66
CA LYS B 98 -20.83 9.44 -26.78
C LYS B 98 -19.80 9.21 -25.70
N ASP B 99 -18.54 9.05 -26.13
CA ASP B 99 -17.44 8.87 -25.20
C ASP B 99 -17.40 10.01 -24.17
N ARG B 100 -17.59 11.23 -24.63
CA ARG B 100 -17.61 12.37 -23.73
C ARG B 100 -18.76 12.28 -22.72
N ALA B 101 -19.99 12.15 -23.20
CA ALA B 101 -21.13 12.10 -22.32
C ALA B 101 -21.03 11.02 -21.27
N ARG B 102 -20.50 9.90 -21.67
CA ARG B 102 -20.34 8.77 -20.81
C ARG B 102 -19.38 9.08 -19.70
N LYS B 103 -18.29 9.74 -20.01
CA LYS B 103 -17.33 10.09 -19.00
C LYS B 103 -17.83 11.18 -18.08
N LEU B 104 -18.40 12.21 -18.65
CA LEU B 104 -18.93 13.31 -17.84
C LEU B 104 -20.01 12.85 -16.86
N ALA B 105 -20.72 11.78 -17.22
CA ALA B 105 -21.84 11.27 -16.44
C ALA B 105 -21.39 10.87 -15.04
N GLU B 106 -20.19 10.29 -14.94
CA GLU B 106 -19.69 9.84 -13.64
C GLU B 106 -19.65 11.01 -12.62
N VAL B 107 -19.55 12.23 -13.13
CA VAL B 107 -19.62 13.40 -12.26
C VAL B 107 -21.04 13.63 -11.79
N GLY B 108 -21.98 13.50 -12.74
CA GLY B 108 -23.39 13.60 -12.42
C GLY B 108 -23.76 12.58 -11.37
N SER B 109 -23.28 11.35 -11.55
CA SER B 109 -23.49 10.30 -10.57
C SER B 109 -23.03 10.73 -9.19
N HIS B 110 -21.77 11.18 -9.11
CA HIS B 110 -21.18 11.53 -7.84
C HIS B 110 -21.95 12.67 -7.18
N GLU B 111 -22.47 13.56 -8.01
CA GLU B 111 -23.17 14.75 -7.53
C GLU B 111 -24.56 14.41 -6.94
N LYS B 112 -25.15 13.30 -7.38
CA LYS B 112 -26.45 12.88 -6.85
C LYS B 112 -26.35 12.37 -5.41
N VAL B 113 -25.14 12.01 -4.99
CA VAL B 113 -24.93 11.41 -3.68
C VAL B 113 -25.20 12.43 -2.58
N GLY B 114 -24.67 13.63 -2.75
CA GLY B 114 -24.77 14.64 -1.70
C GLY B 114 -23.78 14.34 -0.59
N GLN B 115 -23.49 15.33 0.24
CA GLN B 115 -22.50 15.16 1.29
C GLN B 115 -23.02 14.21 2.38
N HIS B 116 -22.25 13.18 2.68
CA HIS B 116 -22.53 12.30 3.81
C HIS B 116 -21.22 11.80 4.42
N PRO B 117 -21.16 11.68 5.75
CA PRO B 117 -19.92 11.35 6.47
C PRO B 117 -19.27 10.00 6.11
N CYS B 118 -20.00 9.09 5.49
CA CYS B 118 -19.42 7.82 5.03
C CYS B 118 -19.40 7.73 3.49
N CYS B 119 -19.47 8.87 2.82
CA CYS B 119 -19.36 8.94 1.36
C CYS B 119 -18.27 9.91 0.98
N VAL B 120 -17.34 9.45 0.14
CA VAL B 120 -16.28 10.30 -0.36
C VAL B 120 -16.93 11.56 -0.94
N ARG B 121 -16.42 12.71 -0.55
CA ARG B 121 -16.89 13.99 -1.06
C ARG B 121 -16.17 14.38 -2.36
N LEU B 122 -16.94 14.66 -3.41
CA LEU B 122 -16.43 15.28 -4.64
C LEU B 122 -16.23 16.77 -4.42
N GLU B 123 -15.06 17.30 -4.76
CA GLU B 123 -14.78 18.69 -4.50
C GLU B 123 -15.10 19.55 -5.72
N GLN B 124 -14.66 19.07 -6.88
CA GLN B 124 -14.99 19.67 -8.16
C GLN B 124 -14.55 18.75 -9.30
N ALA B 125 -14.92 19.13 -10.51
CA ALA B 125 -14.62 18.35 -11.68
C ALA B 125 -14.52 19.31 -12.84
N TRP B 126 -13.64 19.01 -13.79
CA TRP B 126 -13.47 19.91 -14.93
C TRP B 126 -12.89 19.20 -16.15
N GLU B 127 -12.97 19.86 -17.29
CA GLU B 127 -12.47 19.31 -18.54
C GLU B 127 -11.52 20.29 -19.24
N GLU B 128 -10.54 19.74 -19.94
CA GLU B 128 -9.56 20.53 -20.71
C GLU B 128 -8.88 19.60 -21.72
N GLY B 129 -8.67 20.07 -22.94
CA GLY B 129 -8.04 19.27 -23.99
C GLY B 129 -8.66 17.91 -24.23
N GLY B 130 -9.99 17.81 -24.08
CA GLY B 130 -10.66 16.53 -24.13
C GLY B 130 -10.44 15.65 -22.90
N ILE B 131 -9.71 16.16 -21.91
CA ILE B 131 -9.44 15.39 -20.68
C ILE B 131 -10.43 15.73 -19.56
N LEU B 132 -10.98 14.71 -18.92
CA LEU B 132 -11.84 14.93 -17.75
C LEU B 132 -11.10 14.72 -16.41
N TYR B 133 -11.20 15.72 -15.52
CA TYR B 133 -10.57 15.64 -14.19
C TYR B 133 -11.61 15.60 -13.06
N LEU B 134 -11.48 14.63 -12.15
CA LEU B 134 -12.34 14.55 -10.96
C LEU B 134 -11.52 14.72 -9.69
N GLN B 135 -11.83 15.74 -8.91
CA GLN B 135 -11.06 16.05 -7.71
C GLN B 135 -11.86 15.72 -6.45
N THR B 136 -11.49 14.64 -5.76
CA THR B 136 -12.15 14.24 -4.52
C THR B 136 -11.24 14.44 -3.30
N GLU B 137 -11.80 14.23 -2.11
CA GLU B 137 -10.98 14.29 -0.92
C GLU B 137 -10.05 13.09 -0.93
N LEU B 138 -8.86 13.25 -0.39
CA LEU B 138 -7.94 12.14 -0.26
C LEU B 138 -8.36 11.31 0.96
N CYS B 139 -8.46 10.00 0.79
CA CYS B 139 -8.69 9.13 1.92
C CYS B 139 -7.46 8.26 2.23
N GLY B 140 -7.59 7.39 3.23
CA GLY B 140 -6.55 6.41 3.49
C GLY B 140 -6.67 5.30 2.46
N PRO B 141 -5.83 4.28 2.58
CA PRO B 141 -5.84 3.17 1.61
C PRO B 141 -7.21 2.53 1.44
N SER B 142 -7.44 1.93 0.27
CA SER B 142 -8.64 1.14 0.08
C SER B 142 -8.65 0.00 1.09
N LEU B 143 -9.81 -0.61 1.25
CA LEU B 143 -9.98 -1.77 2.13
C LEU B 143 -9.20 -2.92 1.54
N GLN B 144 -9.24 -3.01 0.21
CA GLN B 144 -8.43 -3.97 -0.52
C GLN B 144 -6.93 -3.81 -0.19
N GLN B 145 -6.36 -2.62 -0.31
CA GLN B 145 -4.94 -2.42 0.04
C GLN B 145 -4.68 -2.86 1.48
N HIS B 146 -5.59 -2.49 2.36
CA HIS B 146 -5.47 -2.81 3.77
C HIS B 146 -5.41 -4.30 4.02
N CYS B 147 -6.22 -5.05 3.27
CA CYS B 147 -6.32 -6.49 3.50
C CYS B 147 -5.11 -7.20 2.94
N GLU B 148 -4.64 -6.73 1.79
CA GLU B 148 -3.45 -7.31 1.19
C GLU B 148 -2.29 -7.14 2.14
N ALA B 149 -2.21 -5.98 2.78
CA ALA B 149 -1.11 -5.70 3.71
C ALA B 149 -1.24 -6.49 5.01
N TRP B 150 -2.48 -6.72 5.47
CA TRP B 150 -2.71 -7.48 6.70
C TRP B 150 -2.42 -8.97 6.48
N GLY B 151 -2.71 -9.44 5.27
CA GLY B 151 -2.30 -10.77 4.83
C GLY B 151 -3.07 -11.92 5.44
N ALA B 152 -4.26 -11.62 5.93
CA ALA B 152 -5.07 -12.60 6.64
C ALA B 152 -6.49 -12.05 6.82
N SER B 153 -7.38 -12.85 7.42
CA SER B 153 -8.66 -12.34 7.88
C SER B 153 -8.46 -11.10 8.74
N LEU B 154 -9.18 -10.04 8.43
CA LEU B 154 -9.23 -8.89 9.34
C LEU B 154 -9.78 -9.31 10.70
N PRO B 155 -9.37 -8.59 11.76
CA PRO B 155 -9.97 -8.83 13.08
C PRO B 155 -11.47 -8.46 13.07
N GLU B 156 -12.32 -9.29 13.66
CA GLU B 156 -13.76 -9.07 13.56
C GLU B 156 -14.20 -7.69 14.04
N ALA B 157 -13.62 -7.22 15.15
CA ALA B 157 -13.90 -5.89 15.66
C ALA B 157 -13.75 -4.85 14.54
N GLN B 158 -12.74 -5.03 13.70
CA GLN B 158 -12.48 -4.10 12.60
C GLN B 158 -13.53 -4.25 11.49
N VAL B 159 -13.84 -5.51 11.16
CA VAL B 159 -14.86 -5.82 10.20
C VAL B 159 -16.21 -5.19 10.53
N TRP B 160 -16.57 -5.19 11.81
CA TRP B 160 -17.85 -4.63 12.24
C TRP B 160 -17.92 -3.13 12.00
N GLY B 161 -16.81 -2.45 12.28
CA GLY B 161 -16.73 -1.02 12.05
C GLY B 161 -16.95 -0.70 10.58
N TYR B 162 -16.36 -1.53 9.71
CA TYR B 162 -16.40 -1.25 8.28
C TYR B 162 -17.77 -1.58 7.72
N LEU B 163 -18.39 -2.63 8.28
CA LEU B 163 -19.73 -3.02 7.91
C LEU B 163 -20.71 -1.89 8.22
N ARG B 164 -20.58 -1.35 9.43
CA ARG B 164 -21.48 -0.30 9.86
C ARG B 164 -21.39 0.96 9.00
N ASP B 165 -20.18 1.50 8.81
CA ASP B 165 -20.02 2.71 7.99
C ASP B 165 -20.45 2.53 6.53
N THR B 166 -20.18 1.39 5.96
CA THR B 166 -20.61 1.18 4.58
C THR B 166 -22.15 1.04 4.51
N LEU B 167 -22.76 0.44 5.54
CA LEU B 167 -24.21 0.31 5.61
C LEU B 167 -24.85 1.68 5.71
N LEU B 168 -24.21 2.56 6.50
CA LEU B 168 -24.65 3.94 6.60
C LEU B 168 -24.61 4.67 5.27
N ALA B 169 -23.51 4.49 4.54
CA ALA B 169 -23.37 5.09 3.23
C ALA B 169 -24.49 4.61 2.32
N LEU B 170 -24.71 3.29 2.32
CA LEU B 170 -25.68 2.68 1.45
C LEU B 170 -27.09 3.17 1.78
N ALA B 171 -27.40 3.27 3.07
CA ALA B 171 -28.73 3.73 3.47
C ALA B 171 -28.89 5.17 3.00
N HIS B 172 -27.81 5.95 3.04
CA HIS B 172 -27.86 7.31 2.53
C HIS B 172 -28.20 7.33 1.03
N LEU B 173 -27.54 6.47 0.27
CA LEU B 173 -27.80 6.33 -1.16
C LEU B 173 -29.23 5.85 -1.43
N HIS B 174 -29.58 4.75 -0.78
CA HIS B 174 -30.81 4.03 -1.04
C HIS B 174 -32.02 4.87 -0.71
N SER B 175 -31.92 5.71 0.32
CA SER B 175 -33.03 6.58 0.68
C SER B 175 -33.29 7.64 -0.39
N GLN B 176 -32.38 7.76 -1.35
CA GLN B 176 -32.52 8.73 -2.44
C GLN B 176 -32.84 8.04 -3.77
N GLY B 177 -32.93 6.73 -3.74
CA GLY B 177 -33.23 5.98 -4.95
C GLY B 177 -31.98 5.74 -5.78
N LEU B 178 -30.82 5.75 -5.10
CA LEU B 178 -29.54 5.53 -5.77
C LEU B 178 -28.95 4.14 -5.49
N VAL B 179 -28.42 3.50 -6.52
CA VAL B 179 -27.79 2.20 -6.41
C VAL B 179 -26.32 2.30 -6.87
N HIS B 180 -25.40 1.94 -5.97
CA HIS B 180 -23.96 2.13 -6.20
C HIS B 180 -23.51 1.20 -7.32
N LEU B 181 -23.94 -0.06 -7.21
CA LEU B 181 -23.62 -1.13 -8.17
C LEU B 181 -22.15 -1.61 -8.16
N ASP B 182 -21.27 -0.96 -7.41
CA ASP B 182 -19.87 -1.37 -7.39
C ASP B 182 -19.33 -1.36 -5.98
N VAL B 183 -20.09 -1.90 -5.02
CA VAL B 183 -19.58 -1.92 -3.67
C VAL B 183 -18.65 -3.14 -3.54
N LYS B 184 -17.38 -2.86 -3.25
CA LYS B 184 -16.31 -3.85 -3.14
C LYS B 184 -15.12 -3.22 -2.39
N PRO B 185 -14.16 -4.05 -1.92
CA PRO B 185 -13.04 -3.49 -1.12
C PRO B 185 -12.26 -2.36 -1.81
N ALA B 186 -12.03 -2.48 -3.12
CA ALA B 186 -11.30 -1.43 -3.84
C ALA B 186 -11.99 -0.06 -3.86
N ASN B 187 -13.29 -0.03 -3.54
CA ASN B 187 -14.06 1.21 -3.57
C ASN B 187 -14.43 1.71 -2.17
N ILE B 188 -13.87 1.06 -1.16
CA ILE B 188 -14.10 1.46 0.22
C ILE B 188 -12.76 1.96 0.78
N PHE B 189 -12.75 3.18 1.31
CA PHE B 189 -11.51 3.82 1.69
C PHE B 189 -11.45 4.12 3.19
N LEU B 190 -10.39 3.66 3.85
CA LEU B 190 -10.33 3.76 5.31
C LEU B 190 -9.94 5.16 5.76
N GLY B 191 -10.37 5.53 6.97
CA GLY B 191 -9.93 6.75 7.62
C GLY B 191 -9.44 6.41 9.03
N PRO B 192 -9.22 7.43 9.85
CA PRO B 192 -8.82 7.25 11.26
C PRO B 192 -9.97 6.69 12.12
N ARG B 193 -9.67 6.27 13.36
CA ARG B 193 -10.71 5.81 14.32
C ARG B 193 -11.32 4.46 13.82
N GLY B 194 -10.80 3.93 12.74
CA GLY B 194 -11.25 2.63 12.28
C GLY B 194 -12.49 2.77 11.40
N ARG B 195 -12.75 4.01 10.97
CA ARG B 195 -13.82 4.38 10.05
C ARG B 195 -13.50 4.04 8.59
N CYS B 196 -14.48 4.25 7.71
CA CYS B 196 -14.29 4.07 6.29
C CYS B 196 -15.40 4.76 5.49
N LYS B 197 -15.12 5.02 4.21
CA LYS B 197 -16.04 5.71 3.34
C LYS B 197 -16.23 4.97 2.07
N LEU B 198 -17.42 5.08 1.52
CA LEU B 198 -17.73 4.45 0.28
C LEU B 198 -17.42 5.47 -0.75
N GLY B 199 -16.84 5.05 -1.84
CA GLY B 199 -16.49 5.94 -2.91
C GLY B 199 -16.60 5.32 -4.27
N ASP B 200 -16.14 6.04 -5.28
CA ASP B 200 -16.15 5.65 -6.67
C ASP B 200 -17.54 5.41 -7.18
N PHE B 201 -18.25 6.49 -7.39
CA PHE B 201 -19.60 6.46 -7.84
C PHE B 201 -19.81 6.34 -9.33
N GLY B 202 -18.88 5.71 -10.03
CA GLY B 202 -18.95 5.54 -11.47
C GLY B 202 -20.09 4.77 -12.05
N LEU B 203 -20.43 3.64 -11.49
CA LEU B 203 -21.53 2.86 -12.00
C LEU B 203 -22.80 3.18 -11.27
N LEU B 204 -22.86 4.25 -10.50
CA LEU B 204 -24.06 4.52 -9.72
C LEU B 204 -25.24 4.90 -10.60
N VAL B 205 -26.41 4.35 -10.35
CA VAL B 205 -27.57 4.72 -11.13
C VAL B 205 -28.75 5.13 -10.25
N GLU B 206 -29.59 5.99 -10.81
CA GLU B 206 -30.77 6.47 -10.10
C GLU B 206 -31.96 5.70 -10.60
N LEU B 207 -32.66 5.03 -9.70
CA LEU B 207 -33.81 4.26 -10.07
C LEU B 207 -34.92 5.15 -10.62
N GLY B 208 -35.51 4.74 -11.74
CA GLY B 208 -36.54 5.53 -12.38
C GLY B 208 -37.95 5.30 -11.93
N THR B 209 -38.92 5.88 -12.66
CA THR B 209 -40.33 5.70 -12.28
C THR B 209 -40.59 4.24 -12.52
N ALA B 210 -40.14 3.78 -13.68
CA ALA B 210 -40.27 2.39 -14.02
C ALA B 210 -39.39 1.56 -13.11
N GLY B 211 -38.21 2.11 -12.86
CA GLY B 211 -37.17 1.50 -12.06
C GLY B 211 -36.08 1.27 -13.09
N ALA B 212 -34.89 0.85 -12.68
CA ALA B 212 -33.80 0.61 -13.64
C ALA B 212 -33.39 1.84 -14.46
N GLY B 213 -33.41 1.74 -15.78
CA GLY B 213 -33.03 2.85 -16.62
C GLY B 213 -31.92 2.48 -17.57
N GLU B 214 -30.77 3.08 -17.39
CA GLU B 214 -29.61 2.83 -18.21
C GLU B 214 -28.52 2.30 -17.26
N VAL B 215 -27.94 1.13 -17.53
CA VAL B 215 -27.03 0.49 -16.58
C VAL B 215 -25.74 -0.05 -17.23
N GLN B 216 -24.61 0.12 -16.54
CA GLN B 216 -23.37 -0.55 -16.91
C GLN B 216 -23.13 -1.71 -15.93
N GLU B 217 -22.48 -2.77 -16.41
CA GLU B 217 -22.26 -3.94 -15.59
C GLU B 217 -21.06 -3.84 -14.67
N GLY B 218 -21.22 -4.34 -13.45
CA GLY B 218 -20.18 -4.35 -12.47
C GLY B 218 -19.42 -5.67 -12.49
N ASP B 219 -18.56 -5.81 -11.50
CA ASP B 219 -17.76 -7.00 -11.26
C ASP B 219 -18.70 -8.17 -10.90
N PRO B 220 -18.64 -9.28 -11.65
CA PRO B 220 -19.51 -10.43 -11.36
C PRO B 220 -19.24 -11.12 -10.03
N ARG B 221 -18.03 -10.96 -9.52
CA ARG B 221 -17.69 -11.54 -8.21
C ARG B 221 -18.63 -11.02 -7.13
N TYR B 222 -19.07 -9.77 -7.27
CA TYR B 222 -19.88 -9.14 -6.22
C TYR B 222 -21.36 -8.98 -6.63
N MET B 223 -21.74 -9.60 -7.73
CA MET B 223 -23.05 -9.35 -8.32
C MET B 223 -24.17 -10.11 -7.59
N ALA B 224 -25.20 -9.37 -7.17
CA ALA B 224 -26.39 -10.02 -6.61
C ALA B 224 -26.98 -10.97 -7.68
N PRO B 225 -27.52 -12.11 -7.23
CA PRO B 225 -28.07 -13.10 -8.16
C PRO B 225 -29.18 -12.56 -9.10
N GLU B 226 -30.00 -11.62 -8.64
CA GLU B 226 -31.13 -11.14 -9.42
C GLU B 226 -30.69 -10.26 -10.59
N LEU B 227 -29.44 -9.77 -10.55
CA LEU B 227 -28.92 -8.92 -11.61
C LEU B 227 -28.76 -9.70 -12.92
N LEU B 228 -28.65 -11.02 -12.84
CA LEU B 228 -28.64 -11.87 -14.03
C LEU B 228 -29.93 -11.75 -14.82
N GLN B 229 -31.04 -11.49 -14.13
CA GLN B 229 -32.33 -11.35 -14.80
C GLN B 229 -32.73 -9.90 -14.98
N GLY B 230 -31.78 -8.98 -14.85
CA GLY B 230 -32.02 -7.57 -15.11
C GLY B 230 -32.82 -6.87 -14.03
N SER B 231 -32.91 -7.51 -12.88
CA SER B 231 -33.68 -6.94 -11.79
C SER B 231 -32.76 -6.07 -10.89
N TYR B 232 -32.75 -4.78 -11.19
CA TYR B 232 -31.93 -3.81 -10.50
C TYR B 232 -32.73 -3.14 -9.38
N GLY B 233 -32.09 -3.00 -8.22
CA GLY B 233 -32.69 -2.31 -7.10
C GLY B 233 -31.66 -2.11 -6.03
N THR B 234 -32.03 -1.39 -4.98
CA THR B 234 -31.09 -1.12 -3.90
C THR B 234 -30.62 -2.42 -3.25
N ALA B 235 -31.42 -3.47 -3.30
CA ALA B 235 -31.02 -4.74 -2.69
C ALA B 235 -29.70 -5.27 -3.26
N ALA B 236 -29.38 -4.94 -4.52
CA ALA B 236 -28.15 -5.40 -5.13
C ALA B 236 -26.92 -4.91 -4.34
N ASP B 237 -26.96 -3.69 -3.82
CA ASP B 237 -25.87 -3.18 -2.98
C ASP B 237 -25.69 -3.96 -1.68
N VAL B 238 -26.80 -4.32 -1.04
CA VAL B 238 -26.74 -5.04 0.21
C VAL B 238 -26.05 -6.38 -0.01
N PHE B 239 -26.40 -7.07 -1.09
CA PHE B 239 -25.74 -8.33 -1.40
C PHE B 239 -24.22 -8.17 -1.67
N SER B 240 -23.84 -7.17 -2.45
CA SER B 240 -22.42 -6.97 -2.79
C SER B 240 -21.60 -6.74 -1.53
N LEU B 241 -22.06 -5.83 -0.68
CA LEU B 241 -21.48 -5.61 0.64
C LEU B 241 -21.37 -6.91 1.42
N GLY B 242 -22.39 -7.75 1.32
CA GLY B 242 -22.39 -9.02 2.04
C GLY B 242 -21.19 -9.85 1.61
N LEU B 243 -20.92 -9.85 0.31
CA LEU B 243 -19.80 -10.59 -0.23
C LEU B 243 -18.48 -9.90 0.12
N THR B 244 -18.51 -8.58 0.18
CA THR B 244 -17.37 -7.75 0.52
C THR B 244 -16.85 -8.08 1.92
N ILE B 245 -17.79 -8.13 2.87
CA ILE B 245 -17.53 -8.48 4.26
C ILE B 245 -17.08 -9.93 4.42
N LEU B 246 -17.75 -10.84 3.70
CA LEU B 246 -17.33 -12.23 3.69
C LEU B 246 -15.87 -12.35 3.27
N GLU B 247 -15.53 -11.65 2.19
CA GLU B 247 -14.18 -11.68 1.65
C GLU B 247 -13.09 -11.21 2.62
N VAL B 248 -13.31 -10.07 3.25
CA VAL B 248 -12.27 -9.49 4.11
C VAL B 248 -12.29 -10.14 5.50
N ALA B 249 -13.46 -10.61 5.97
CA ALA B 249 -13.55 -11.22 7.30
C ALA B 249 -12.99 -12.62 7.26
N CYS B 250 -13.01 -13.23 6.09
CA CYS B 250 -12.53 -14.60 5.96
C CYS B 250 -11.34 -14.79 5.03
N ASN B 251 -10.82 -13.70 4.45
CA ASN B 251 -9.67 -13.77 3.52
C ASN B 251 -9.96 -14.77 2.43
N MET B 252 -11.13 -14.64 1.81
CA MET B 252 -11.56 -15.54 0.76
C MET B 252 -11.52 -14.85 -0.61
N GLU B 253 -11.03 -15.55 -1.62
CA GLU B 253 -11.14 -15.05 -2.98
C GLU B 253 -12.50 -15.40 -3.59
N LEU B 254 -13.23 -14.38 -4.03
CA LEU B 254 -14.51 -14.61 -4.71
C LEU B 254 -14.30 -15.14 -6.11
N PRO B 255 -15.06 -16.18 -6.49
CA PRO B 255 -15.04 -16.72 -7.86
C PRO B 255 -15.80 -15.83 -8.84
N HIS B 256 -15.30 -15.74 -10.08
CA HIS B 256 -15.92 -14.96 -11.13
C HIS B 256 -17.12 -15.68 -11.72
N GLY B 257 -17.12 -17.00 -11.65
CA GLY B 257 -18.16 -17.80 -12.28
C GLY B 257 -18.07 -19.23 -11.82
N GLY B 258 -18.70 -20.13 -12.56
CA GLY B 258 -18.67 -21.54 -12.22
C GLY B 258 -19.53 -21.86 -11.02
N GLU B 259 -19.41 -23.09 -10.52
CA GLU B 259 -20.28 -23.55 -9.43
C GLU B 259 -19.96 -22.85 -8.11
N GLY B 260 -18.72 -22.40 -7.93
CA GLY B 260 -18.35 -21.64 -6.75
C GLY B 260 -19.12 -20.34 -6.67
N TRP B 261 -19.22 -19.67 -7.81
CA TRP B 261 -20.08 -18.49 -7.93
C TRP B 261 -21.51 -18.84 -7.51
N GLN B 262 -21.95 -20.00 -7.93
CA GLN B 262 -23.29 -20.48 -7.68
C GLN B 262 -23.51 -20.77 -6.20
N GLN B 263 -22.52 -21.44 -5.59
CA GLN B 263 -22.58 -21.82 -4.17
C GLN B 263 -22.86 -20.64 -3.25
N LEU B 264 -22.34 -19.47 -3.60
CA LEU B 264 -22.50 -18.28 -2.77
C LEU B 264 -23.86 -17.61 -2.91
N ARG B 265 -24.70 -18.13 -3.79
CA ARG B 265 -25.91 -17.43 -4.19
C ARG B 265 -27.15 -18.26 -3.90
N GLN B 266 -27.03 -19.19 -2.98
CA GLN B 266 -28.14 -20.08 -2.74
C GLN B 266 -28.54 -20.14 -1.27
N GLY B 267 -28.20 -19.11 -0.51
CA GLY B 267 -28.76 -18.95 0.82
C GLY B 267 -27.90 -19.35 1.99
N TYR B 268 -26.81 -20.07 1.73
CA TYR B 268 -25.90 -20.47 2.80
C TYR B 268 -24.50 -19.88 2.67
N LEU B 269 -23.58 -20.42 3.46
CA LEU B 269 -22.21 -19.94 3.50
C LEU B 269 -21.25 -21.12 3.33
N PRO B 270 -20.02 -20.84 2.86
CA PRO B 270 -19.00 -21.89 2.83
C PRO B 270 -18.52 -22.21 4.25
N PRO B 271 -18.84 -23.41 4.76
CA PRO B 271 -18.58 -23.79 6.15
C PRO B 271 -17.13 -23.65 6.58
N GLU B 272 -16.20 -23.96 5.68
CA GLU B 272 -14.80 -24.10 6.07
C GLU B 272 -14.10 -22.74 6.29
N PHE B 273 -14.44 -21.75 5.47
CA PHE B 273 -13.80 -20.43 5.57
C PHE B 273 -14.59 -19.45 6.42
N THR B 274 -15.78 -19.85 6.86
CA THR B 274 -16.56 -19.01 7.76
C THR B 274 -16.60 -19.61 9.16
N ALA B 275 -15.78 -20.61 9.38
CA ALA B 275 -15.71 -21.31 10.67
C ALA B 275 -15.29 -20.38 11.82
N GLY B 276 -14.45 -19.40 11.52
CA GLY B 276 -13.95 -18.54 12.57
C GLY B 276 -14.90 -17.42 12.95
N LEU B 277 -15.85 -17.12 12.08
CA LEU B 277 -16.79 -16.03 12.32
C LEU B 277 -17.68 -16.28 13.53
N SER B 278 -17.92 -15.23 14.32
CA SER B 278 -18.88 -15.30 15.41
C SER B 278 -20.27 -15.59 14.84
N SER B 279 -21.16 -16.16 15.65
CA SER B 279 -22.51 -16.50 15.14
C SER B 279 -23.27 -15.23 14.77
N GLU B 280 -22.99 -14.15 15.49
CA GLU B 280 -23.59 -12.86 15.22
C GLU B 280 -23.25 -12.31 13.81
N LEU B 281 -21.98 -12.34 13.41
CA LEU B 281 -21.61 -11.84 12.09
C LEU B 281 -22.17 -12.77 11.03
N ARG B 282 -22.01 -14.07 11.26
CA ARG B 282 -22.49 -15.08 10.34
C ARG B 282 -23.99 -14.91 10.10
N SER B 283 -24.70 -14.54 11.16
CA SER B 283 -26.14 -14.29 11.08
C SER B 283 -26.49 -13.03 10.29
N VAL B 284 -25.62 -12.01 10.34
CA VAL B 284 -25.83 -10.80 9.54
C VAL B 284 -25.48 -11.07 8.09
N LEU B 285 -24.52 -11.94 7.88
CA LEU B 285 -24.15 -12.34 6.54
C LEU B 285 -25.24 -13.20 5.85
N VAL B 286 -25.98 -14.00 6.62
CA VAL B 286 -27.02 -14.82 6.03
C VAL B 286 -28.14 -13.88 5.55
N MET B 287 -28.40 -12.82 6.32
CA MET B 287 -29.40 -11.82 5.96
C MET B 287 -29.07 -11.08 4.69
N MET B 288 -27.81 -10.64 4.60
CA MET B 288 -27.34 -9.86 3.47
C MET B 288 -27.26 -10.71 2.22
N LEU B 289 -26.95 -11.99 2.39
CA LEU B 289 -26.81 -12.90 1.25
C LEU B 289 -28.09 -13.64 0.84
N GLU B 290 -29.24 -13.22 1.37
CA GLU B 290 -30.54 -13.75 0.94
C GLU B 290 -30.68 -13.63 -0.59
N PRO B 291 -30.81 -14.77 -1.28
CA PRO B 291 -30.90 -14.80 -2.75
C PRO B 291 -32.07 -13.98 -3.29
N ASP B 292 -33.18 -13.96 -2.56
CA ASP B 292 -34.41 -13.30 -3.04
C ASP B 292 -34.40 -11.82 -2.62
N PRO B 293 -34.25 -10.91 -3.59
CA PRO B 293 -34.19 -9.48 -3.28
C PRO B 293 -35.43 -8.96 -2.58
N LYS B 294 -36.57 -9.63 -2.82
CA LYS B 294 -37.80 -9.33 -2.11
C LYS B 294 -37.62 -9.52 -0.61
N LEU B 295 -36.84 -10.52 -0.20
CA LEU B 295 -36.71 -10.87 1.21
C LEU B 295 -35.42 -10.35 1.86
N ARG B 296 -34.44 -9.96 1.05
CA ARG B 296 -33.14 -9.48 1.59
C ARG B 296 -33.30 -8.27 2.52
N ALA B 297 -32.61 -8.32 3.65
CA ALA B 297 -32.56 -7.19 4.57
C ALA B 297 -32.11 -5.92 3.85
N THR B 298 -32.71 -4.80 4.24
CA THR B 298 -32.27 -3.50 3.75
C THR B 298 -31.21 -2.96 4.69
N ALA B 299 -30.49 -1.94 4.23
CA ALA B 299 -29.45 -1.30 5.01
C ALA B 299 -30.07 -0.77 6.31
N GLU B 300 -31.22 -0.12 6.18
CA GLU B 300 -31.90 0.42 7.35
C GLU B 300 -32.26 -0.66 8.38
N ALA B 301 -32.72 -1.80 7.88
CA ALA B 301 -33.11 -2.90 8.76
C ALA B 301 -31.89 -3.48 9.49
N LEU B 302 -30.79 -3.65 8.77
CA LEU B 302 -29.53 -4.16 9.36
C LEU B 302 -28.98 -3.25 10.45
N LEU B 303 -29.00 -1.94 10.20
CA LEU B 303 -28.47 -0.98 11.18
C LEU B 303 -29.38 -0.84 12.43
N ALA B 304 -30.60 -1.38 12.36
CA ALA B 304 -31.47 -1.41 13.53
C ALA B 304 -31.20 -2.64 14.39
N LEU B 305 -30.46 -3.60 13.85
CA LEU B 305 -30.11 -4.77 14.66
C LEU B 305 -29.17 -4.37 15.81
N PRO B 306 -29.32 -5.00 16.98
CA PRO B 306 -28.47 -4.64 18.12
C PRO B 306 -26.98 -4.83 17.86
N VAL B 307 -26.59 -5.88 17.13
CA VAL B 307 -25.16 -6.10 16.89
C VAL B 307 -24.52 -4.91 16.20
N LEU B 308 -25.32 -4.13 15.48
CA LEU B 308 -24.79 -3.06 14.64
C LEU B 308 -24.96 -1.63 15.15
N ARG B 309 -24.92 -1.40 16.45
CA ARG B 309 -24.79 -0.01 16.90
C ARG B 309 -24.24 0.15 18.32
N GLN B 310 -23.28 1.08 18.44
CA GLN B 310 -22.65 1.47 19.70
C GLN B 310 -23.62 1.61 20.87
#